data_8S5U
#
_entry.id   8S5U
#
_cell.length_a   1.00
_cell.length_b   1.00
_cell.length_c   1.00
_cell.angle_alpha   90.00
_cell.angle_beta   90.00
_cell.angle_gamma   90.00
#
_symmetry.space_group_name_H-M   'P 1'
#
loop_
_entity.id
_entity.type
_entity.pdbx_description
1 polymer Nb3.4
2 polymer 'Thiamine transporter 2'
3 non-polymer 2-acetamido-2-deoxy-beta-D-glucopyranose
4 non-polymer 3-(4-AMINO-2-METHYL-PYRIMIDIN-5-YLMETHYL)-5-(2-HYDROXY-ETHYL)-4-METHYL-THIAZOL-3-IUM
#
loop_
_entity_poly.entity_id
_entity_poly.type
_entity_poly.pdbx_seq_one_letter_code
_entity_poly.pdbx_strand_id
1 'polypeptide(L)'
;QVQLVESGGGLVQAGDSLRLSCAASGLTFSRYDMAWFRQAPGKEREFVAAITWTGSITDYADSVKGRFTISRDNAKNTIY
LQMNSLKPEDTAVYYCAAAQVPYGSTLKFNLRTLFGSWGQGTQVTVSSHHHHHHEPEA
;
B
2 'polypeptide(L)'
;MDCYRTSLSSSWIYPTVILCLFGFFSMMRPSEPFLIPYLSGPDKNLTSAEITNEIFPVWTYSYLVLLLPVFVLTDYVRYK
PVIILQGISFIITWLLLLFGQGVKTMQVVEFFYGMVTAAEVAYYAYIYSVVSPEHYQRVSGYCRSVTLAAYTAGSVLAQL
LVSLANMSYFYLNVISLASVSVAFLFSLFLPMPKKSMFFHAKPSREIKKSSSVNPVLEETHEGEAPGCEEQKPTSEILST
SGKLNKGQLNSLKPSNVTVDVFVQWFQDLKECYSSKRLFYWSLWWAFATAGFNQVLNYVQILWDYKAPSQDSSIYNGAVE
AIATFGGAVAAFAVGYVKVNWDLLGELALVVFSVVNAGSLFLMHYTANIWACYAGYLIFKSSYMLLITIAVFQIAVNLNV
ERYALVFGINTFIALVIQTIMTVIVVDQRGLNLPVSIQFLVYGSYFAVIAGIFLMRSMYITYSTKSQKDVQSPAPSENPD
VSHPEEESNIIMSTKLLEVLFQGPSSGWSHPQFEKGGGSGGGSGGSAWSHPQFEK
;
A
#
loop_
_chem_comp.id
_chem_comp.type
_chem_comp.name
_chem_comp.formula
NAG D-saccharide, beta linking 2-acetamido-2-deoxy-beta-D-glucopyranose 'C8 H15 N O6'
VIB non-polymer 3-(4-AMINO-2-METHYL-PYRIMIDIN-5-YLMETHYL)-5-(2-HYDROXY-ETHYL)-4-METHYL-THIAZOL-3-IUM 'C12 H17 N4 O S 1'
#
# COMPACT_ATOMS: atom_id res chain seq x y z
N GLN A 1 14.54 -23.30 -4.14
CA GLN A 1 13.91 -24.17 -3.16
C GLN A 1 14.47 -23.91 -1.77
N VAL A 2 13.58 -23.84 -0.78
CA VAL A 2 13.98 -23.61 0.60
C VAL A 2 14.04 -24.95 1.32
N GLN A 3 15.18 -25.19 1.97
CA GLN A 3 15.36 -26.43 2.71
C GLN A 3 15.51 -26.17 4.19
N LEU A 4 14.85 -26.97 4.99
CA LEU A 4 14.91 -26.85 6.45
C LEU A 4 15.13 -28.24 7.02
N VAL A 5 16.13 -28.37 7.89
CA VAL A 5 16.45 -29.64 8.52
C VAL A 5 16.45 -29.41 10.04
N GLU A 6 15.65 -30.19 10.76
CA GLU A 6 15.58 -30.06 12.18
C GLU A 6 16.59 -30.93 12.86
N SER A 7 17.04 -30.53 14.04
CA SER A 7 18.05 -31.26 14.79
C SER A 7 17.82 -31.03 16.27
N GLY A 8 17.67 -32.11 17.04
CA GLY A 8 17.55 -31.99 18.48
C GLY A 8 16.58 -32.97 19.12
N GLY A 9 15.75 -33.62 18.32
CA GLY A 9 14.78 -34.54 18.87
C GLY A 9 15.42 -35.77 19.49
N GLY A 10 14.68 -36.38 20.42
CA GLY A 10 15.17 -37.55 21.10
C GLY A 10 14.24 -37.95 22.21
N LEU A 11 14.74 -38.85 23.07
CA LEU A 11 14.00 -39.37 24.21
C LEU A 11 14.47 -38.68 25.48
N VAL A 12 13.54 -38.07 26.21
CA VAL A 12 13.84 -37.33 27.42
C VAL A 12 12.83 -37.69 28.50
N GLN A 13 13.32 -37.87 29.72
CA GLN A 13 12.45 -38.15 30.84
C GLN A 13 11.50 -36.97 31.08
N ALA A 14 10.40 -37.26 31.76
CA ALA A 14 9.45 -36.21 32.08
C ALA A 14 10.12 -35.16 32.95
N GLY A 15 9.94 -33.90 32.59
CA GLY A 15 10.51 -32.79 33.33
C GLY A 15 11.91 -32.40 32.91
N ASP A 16 12.50 -33.09 31.93
CA ASP A 16 13.80 -32.68 31.39
C ASP A 16 13.57 -31.53 30.42
N SER A 17 14.60 -31.18 29.65
CA SER A 17 14.51 -30.06 28.72
C SER A 17 15.18 -30.43 27.41
N LEU A 18 14.73 -29.78 26.34
CA LEU A 18 15.26 -30.00 24.99
C LEU A 18 15.47 -28.65 24.34
N ARG A 19 16.31 -28.64 23.31
CA ARG A 19 16.64 -27.42 22.57
C ARG A 19 16.77 -27.80 21.09
N LEU A 20 15.66 -27.70 20.37
CA LEU A 20 15.64 -28.05 18.96
C LEU A 20 16.32 -26.97 18.12
N SER A 21 16.86 -27.39 16.99
CA SER A 21 17.51 -26.49 16.04
C SER A 21 17.01 -26.81 14.64
N CYS A 22 16.97 -25.78 13.79
CA CYS A 22 16.51 -25.96 12.42
C CYS A 22 17.28 -25.00 11.52
N ALA A 23 18.35 -25.50 10.90
CA ALA A 23 19.25 -24.68 10.09
C ALA A 23 18.64 -24.49 8.71
N ALA A 24 18.12 -23.29 8.45
CA ALA A 24 17.51 -22.99 7.16
C ALA A 24 18.58 -22.62 6.14
N SER A 25 18.28 -22.87 4.87
CA SER A 25 19.19 -22.53 3.79
C SER A 25 18.38 -22.35 2.51
N GLY A 26 18.83 -21.41 1.68
CA GLY A 26 18.17 -21.13 0.42
C GLY A 26 17.30 -19.89 0.41
N LEU A 27 17.35 -19.07 1.45
CA LEU A 27 16.55 -17.84 1.48
C LEU A 27 17.25 -16.83 2.37
N THR A 28 16.87 -15.56 2.20
CA THR A 28 17.36 -14.49 3.05
C THR A 28 16.69 -14.61 4.41
N PHE A 29 17.36 -15.30 5.33
CA PHE A 29 16.77 -15.60 6.63
C PHE A 29 16.36 -14.36 7.39
N SER A 30 16.99 -13.22 7.12
CA SER A 30 16.75 -12.01 7.89
C SER A 30 15.52 -11.24 7.43
N ARG A 31 14.61 -11.86 6.70
CA ARG A 31 13.36 -11.21 6.29
C ARG A 31 12.12 -12.05 6.55
N TYR A 32 12.23 -13.37 6.70
CA TYR A 32 11.08 -14.26 6.74
C TYR A 32 10.76 -14.66 8.18
N ASP A 33 9.50 -14.62 8.54
CA ASP A 33 9.09 -15.07 9.83
C ASP A 33 9.16 -16.57 9.86
N MET A 34 9.70 -17.14 10.93
CA MET A 34 9.85 -18.57 11.12
C MET A 34 8.96 -19.04 12.26
N ALA A 35 8.62 -20.32 12.22
CA ALA A 35 7.69 -20.90 13.18
C ALA A 35 8.04 -22.35 13.42
N TRP A 36 7.51 -22.89 14.51
CA TRP A 36 7.62 -24.30 14.83
C TRP A 36 6.21 -24.90 14.86
N PHE A 37 6.06 -26.07 14.24
CA PHE A 37 4.82 -26.81 14.25
C PHE A 37 5.10 -28.20 14.78
N ARG A 38 4.06 -28.85 15.28
CA ARG A 38 4.14 -30.22 15.74
C ARG A 38 3.06 -31.04 15.10
N GLN A 39 3.20 -32.35 15.11
CA GLN A 39 2.16 -33.29 14.67
C GLN A 39 2.17 -34.47 15.63
N ALA A 40 1.36 -34.37 16.69
CA ALA A 40 1.33 -35.41 17.69
C ALA A 40 0.82 -36.71 17.06
N PRO A 41 1.14 -37.85 17.65
CA PRO A 41 0.77 -39.12 17.03
C PRO A 41 -0.73 -39.42 17.15
N GLY A 42 -1.51 -38.87 16.22
CA GLY A 42 -2.95 -39.06 16.24
C GLY A 42 -3.73 -37.78 15.99
N LYS A 43 -3.05 -36.73 15.56
CA LYS A 43 -3.68 -35.44 15.29
C LYS A 43 -3.09 -34.86 14.02
N GLU A 44 -3.49 -33.64 13.71
CA GLU A 44 -2.95 -32.89 12.58
C GLU A 44 -1.92 -31.88 13.06
N ARG A 45 -1.14 -31.36 12.12
CA ARG A 45 -0.13 -30.37 12.45
C ARG A 45 -0.77 -29.17 13.14
N GLU A 46 -0.11 -28.69 14.19
CA GLU A 46 -0.61 -27.55 14.95
C GLU A 46 0.49 -26.53 15.17
N PHE A 47 0.09 -25.27 15.23
CA PHE A 47 1.02 -24.20 15.54
C PHE A 47 1.60 -24.37 16.94
N VAL A 48 2.90 -24.09 17.08
CA VAL A 48 3.59 -24.16 18.37
C VAL A 48 4.21 -22.83 18.75
N ALA A 49 4.89 -22.18 17.81
CA ALA A 49 5.49 -20.89 18.09
C ALA A 49 5.86 -20.21 16.78
N ALA A 50 6.05 -18.90 16.85
CA ALA A 50 6.48 -18.12 15.70
C ALA A 50 7.17 -16.86 16.20
N ILE A 51 8.24 -16.46 15.52
CA ILE A 51 9.03 -15.29 15.89
C ILE A 51 9.15 -14.40 14.67
N THR A 52 8.74 -13.15 14.80
CA THR A 52 8.69 -12.26 13.66
C THR A 52 10.09 -12.08 13.05
N TRP A 53 10.12 -11.51 11.85
CA TRP A 53 11.38 -11.35 11.14
C TRP A 53 12.28 -10.32 11.82
N THR A 54 11.72 -9.45 12.65
CA THR A 54 12.54 -8.54 13.45
C THR A 54 12.98 -9.16 14.76
N GLY A 55 12.39 -10.29 15.16
CA GLY A 55 12.75 -10.95 16.39
C GLY A 55 12.11 -10.35 17.63
N SER A 56 11.29 -9.32 17.49
CA SER A 56 10.75 -8.61 18.63
C SER A 56 9.41 -9.17 19.12
N ILE A 57 8.74 -10.00 18.33
CA ILE A 57 7.46 -10.59 18.70
C ILE A 57 7.61 -12.09 18.70
N THR A 58 6.97 -12.75 19.67
CA THR A 58 7.00 -14.21 19.76
C THR A 58 5.60 -14.67 20.17
N ASP A 59 4.86 -15.21 19.21
CA ASP A 59 3.54 -15.77 19.47
C ASP A 59 3.66 -17.25 19.80
N TYR A 60 2.91 -17.67 20.81
CA TYR A 60 2.99 -19.04 21.32
C TYR A 60 1.60 -19.66 21.36
N ALA A 61 1.55 -20.97 21.16
CA ALA A 61 0.31 -21.70 21.36
C ALA A 61 -0.09 -21.64 22.83
N ASP A 62 -1.40 -21.55 23.07
CA ASP A 62 -1.88 -21.38 24.44
C ASP A 62 -1.42 -22.52 25.34
N SER A 63 -1.24 -23.72 24.79
CA SER A 63 -0.82 -24.85 25.61
C SER A 63 0.63 -24.71 26.05
N VAL A 64 1.52 -24.37 25.10
CA VAL A 64 2.94 -24.34 25.43
C VAL A 64 3.29 -23.14 26.30
N LYS A 65 2.60 -22.02 26.12
CA LYS A 65 2.97 -20.76 26.76
C LYS A 65 3.40 -20.98 28.20
N GLY A 66 4.52 -20.37 28.57
CA GLY A 66 5.10 -20.54 29.88
C GLY A 66 6.13 -21.64 29.99
N ARG A 67 6.31 -22.44 28.94
CA ARG A 67 7.34 -23.49 28.94
C ARG A 67 8.26 -23.42 27.72
N PHE A 68 7.75 -22.96 26.58
CA PHE A 68 8.54 -22.90 25.35
C PHE A 68 8.96 -21.46 25.08
N THR A 69 10.18 -21.30 24.59
CA THR A 69 10.69 -19.99 24.18
C THR A 69 11.38 -20.16 22.83
N ILE A 70 10.83 -19.52 21.80
CA ILE A 70 11.41 -19.60 20.47
C ILE A 70 12.50 -18.56 20.32
N SER A 71 13.59 -18.94 19.65
CA SER A 71 14.72 -18.06 19.45
C SER A 71 15.20 -18.20 18.01
N ARG A 72 15.82 -17.14 17.50
CA ARG A 72 16.39 -17.16 16.16
C ARG A 72 17.76 -16.51 16.20
N ASP A 73 18.57 -16.82 15.21
CA ASP A 73 19.95 -16.33 15.13
C ASP A 73 20.23 -16.00 13.68
N ASN A 74 20.04 -14.74 13.28
CA ASN A 74 20.19 -14.41 11.89
C ASN A 74 21.62 -14.55 11.41
N ALA A 75 22.58 -14.58 12.32
CA ALA A 75 23.96 -14.76 11.91
C ALA A 75 24.19 -16.15 11.31
N LYS A 76 23.63 -17.18 11.93
CA LYS A 76 23.85 -18.56 11.50
C LYS A 76 22.66 -19.12 10.72
N ASN A 77 21.67 -18.30 10.38
CA ASN A 77 20.50 -18.77 9.65
C ASN A 77 19.96 -19.96 10.39
N THR A 78 19.74 -19.80 11.68
CA THR A 78 19.25 -20.88 12.51
C THR A 78 18.14 -20.36 13.42
N ILE A 79 17.19 -21.24 13.70
CA ILE A 79 16.10 -20.97 14.63
C ILE A 79 16.08 -22.09 15.67
N TYR A 80 15.80 -21.74 16.91
CA TYR A 80 15.81 -22.69 18.02
C TYR A 80 14.46 -22.67 18.72
N LEU A 81 14.27 -23.64 19.61
CA LEU A 81 13.08 -23.69 20.44
C LEU A 81 13.43 -24.45 21.71
N GLN A 82 13.47 -23.75 22.83
CA GLN A 82 13.81 -24.35 24.12
C GLN A 82 12.54 -24.88 24.77
N MET A 83 12.51 -26.18 25.05
CA MET A 83 11.39 -26.80 25.72
C MET A 83 11.78 -27.11 27.17
N ASN A 84 11.01 -26.58 28.09
CA ASN A 84 11.31 -26.83 29.45
C ASN A 84 10.13 -27.49 30.13
N SER A 85 10.41 -28.31 31.14
CA SER A 85 9.38 -29.06 31.86
C SER A 85 8.48 -29.81 30.87
N LEU A 86 9.10 -30.74 30.15
CA LEU A 86 8.38 -31.48 29.11
C LEU A 86 7.43 -32.48 29.75
N LYS A 87 6.14 -32.31 29.49
CA LYS A 87 5.09 -33.19 29.99
C LYS A 87 4.77 -34.27 28.97
N PRO A 88 4.14 -35.37 29.40
CA PRO A 88 3.91 -36.49 28.47
C PRO A 88 3.10 -36.10 27.24
N GLU A 89 2.38 -35.00 27.28
CA GLU A 89 1.59 -34.57 26.13
C GLU A 89 2.41 -33.82 25.09
N ASP A 90 3.70 -33.63 25.34
CA ASP A 90 4.55 -32.92 24.38
C ASP A 90 5.04 -33.82 23.27
N THR A 91 4.82 -35.12 23.40
CA THR A 91 5.23 -36.06 22.36
C THR A 91 4.70 -35.61 21.02
N ALA A 92 5.60 -35.48 20.04
CA ALA A 92 5.20 -35.03 18.70
C ALA A 92 6.42 -35.09 17.79
N VAL A 93 6.21 -34.72 16.54
CA VAL A 93 7.27 -34.54 15.55
C VAL A 93 7.27 -33.08 15.16
N TYR A 94 8.38 -32.39 15.41
CA TYR A 94 8.43 -30.94 15.29
C TYR A 94 8.96 -30.54 13.92
N TYR A 95 8.21 -29.71 13.21
CA TYR A 95 8.60 -29.16 11.93
C TYR A 95 8.85 -27.67 12.07
N CYS A 96 9.79 -27.15 11.30
CA CYS A 96 10.06 -25.72 11.26
C CYS A 96 9.64 -25.18 9.89
N ALA A 97 8.87 -24.11 9.89
CA ALA A 97 8.30 -23.55 8.68
C ALA A 97 8.81 -22.12 8.50
N ALA A 98 8.62 -21.60 7.29
CA ALA A 98 9.03 -20.25 6.93
C ALA A 98 7.90 -19.55 6.20
N ALA A 99 7.70 -18.27 6.52
CA ALA A 99 6.61 -17.52 5.90
C ALA A 99 6.74 -17.53 4.39
N GLN A 100 5.61 -17.73 3.71
CA GLN A 100 5.61 -17.76 2.25
C GLN A 100 5.92 -16.40 1.65
N VAL A 101 5.84 -15.33 2.43
CA VAL A 101 6.13 -13.98 1.96
C VAL A 101 7.13 -13.36 2.94
N PRO A 102 8.08 -12.53 2.50
CA PRO A 102 9.14 -12.10 3.41
C PRO A 102 8.64 -11.37 4.65
N TYR A 103 7.97 -10.24 4.47
CA TYR A 103 7.56 -9.39 5.59
C TYR A 103 6.10 -9.68 5.96
N GLY A 104 5.86 -10.91 6.42
CA GLY A 104 4.50 -11.30 6.73
C GLY A 104 3.90 -10.50 7.88
N SER A 105 4.66 -10.35 8.97
CA SER A 105 4.14 -9.66 10.14
C SER A 105 3.86 -8.20 9.85
N THR A 106 4.76 -7.52 9.14
CA THR A 106 4.60 -6.10 8.89
C THR A 106 3.32 -5.82 8.11
N LEU A 107 3.04 -6.64 7.09
CA LEU A 107 1.83 -6.49 6.29
C LEU A 107 0.61 -7.09 6.98
N LYS A 108 0.77 -7.62 8.19
CA LYS A 108 -0.34 -8.11 9.01
C LYS A 108 -0.99 -9.36 8.42
N PHE A 109 -0.21 -10.20 7.74
CA PHE A 109 -0.72 -11.47 7.27
C PHE A 109 -1.06 -12.35 8.47
N ASN A 110 -2.19 -13.04 8.42
CA ASN A 110 -2.58 -13.91 9.51
C ASN A 110 -1.50 -14.93 9.70
N LEU A 111 -1.16 -15.23 10.94
CA LEU A 111 -0.07 -16.15 11.23
C LEU A 111 -0.43 -17.59 10.89
N ARG A 112 -1.71 -17.95 11.03
CA ARG A 112 -2.13 -19.33 10.81
C ARG A 112 -2.28 -19.69 9.35
N THR A 113 -2.17 -18.71 8.44
CA THR A 113 -2.14 -18.96 7.00
C THR A 113 -0.99 -18.20 6.37
N LEU A 114 0.20 -18.30 6.99
CA LEU A 114 1.39 -17.60 6.51
C LEU A 114 2.59 -18.52 6.32
N PHE A 115 2.66 -19.66 6.98
CA PHE A 115 3.86 -20.48 7.01
C PHE A 115 3.69 -21.70 6.12
N GLY A 116 4.68 -21.94 5.26
CA GLY A 116 4.72 -23.13 4.44
C GLY A 116 6.14 -23.68 4.36
N SER A 117 6.44 -24.40 3.29
CA SER A 117 7.81 -24.91 3.06
C SER A 117 8.32 -25.66 4.28
N TRP A 118 7.51 -26.61 4.75
CA TRP A 118 7.84 -27.33 5.96
C TRP A 118 9.18 -28.06 5.82
N GLY A 119 9.68 -28.55 6.95
CA GLY A 119 10.92 -29.29 6.99
C GLY A 119 10.70 -30.78 6.91
N GLN A 120 11.65 -31.53 7.48
CA GLN A 120 11.60 -32.98 7.47
C GLN A 120 11.21 -33.57 8.83
N GLY A 121 10.98 -32.74 9.84
CA GLY A 121 10.53 -33.23 11.12
C GLY A 121 11.63 -33.85 11.96
N THR A 122 11.45 -33.84 13.27
CA THR A 122 12.34 -34.50 14.20
C THR A 122 11.54 -35.05 15.37
N GLN A 123 11.78 -36.31 15.71
CA GLN A 123 10.96 -37.00 16.70
C GLN A 123 11.37 -36.56 18.10
N VAL A 124 10.40 -36.08 18.87
CA VAL A 124 10.57 -35.80 20.29
C VAL A 124 9.61 -36.70 21.05
N THR A 125 10.16 -37.59 21.87
CA THR A 125 9.36 -38.55 22.63
C THR A 125 9.70 -38.36 24.11
N VAL A 126 8.83 -37.63 24.80
CA VAL A 126 8.99 -37.37 26.23
C VAL A 126 8.23 -38.44 26.98
N SER A 127 8.98 -39.26 27.72
CA SER A 127 8.38 -40.38 28.43
C SER A 127 8.26 -40.17 29.92
N SER A 128 7.29 -40.85 30.52
CA SER A 128 7.08 -40.75 31.96
C SER A 128 7.90 -41.80 32.69
N SER B 11 -22.11 30.28 -10.56
CA SER B 11 -22.22 29.37 -11.68
C SER B 11 -21.25 28.19 -11.54
N TRP B 12 -20.15 28.44 -10.84
CA TRP B 12 -19.12 27.42 -10.62
C TRP B 12 -19.35 26.63 -9.33
N ILE B 13 -20.42 26.91 -8.60
CA ILE B 13 -20.62 26.33 -7.27
C ILE B 13 -21.26 24.96 -7.34
N TYR B 14 -22.30 24.80 -8.17
CA TYR B 14 -23.02 23.53 -8.21
C TYR B 14 -22.15 22.37 -8.68
N PRO B 15 -21.46 22.45 -9.82
CA PRO B 15 -20.61 21.32 -10.23
C PRO B 15 -19.51 21.02 -9.23
N THR B 16 -18.87 22.05 -8.69
CA THR B 16 -17.81 21.85 -7.70
C THR B 16 -18.36 21.15 -6.48
N VAL B 17 -19.51 21.59 -5.97
CA VAL B 17 -20.07 21.01 -4.76
C VAL B 17 -20.39 19.54 -4.99
N ILE B 18 -21.07 19.22 -6.09
CA ILE B 18 -21.48 17.84 -6.30
C ILE B 18 -20.27 16.95 -6.57
N LEU B 19 -19.30 17.44 -7.35
CA LEU B 19 -18.11 16.64 -7.62
C LEU B 19 -17.33 16.38 -6.34
N CYS B 20 -17.25 17.36 -5.47
CA CYS B 20 -16.48 17.19 -4.24
C CYS B 20 -17.23 16.27 -3.28
N LEU B 21 -18.55 16.32 -3.25
CA LEU B 21 -19.29 15.36 -2.46
C LEU B 21 -19.08 13.93 -2.96
N PHE B 22 -19.11 13.75 -4.28
CA PHE B 22 -18.86 12.43 -4.84
C PHE B 22 -17.46 11.94 -4.48
N GLY B 23 -16.46 12.82 -4.61
CA GLY B 23 -15.10 12.41 -4.30
C GLY B 23 -14.93 12.04 -2.83
N PHE B 24 -15.46 12.88 -1.95
CA PHE B 24 -15.34 12.60 -0.52
C PHE B 24 -16.00 11.28 -0.16
N PHE B 25 -17.22 11.05 -0.65
CA PHE B 25 -17.93 9.84 -0.26
C PHE B 25 -17.32 8.59 -0.91
N SER B 26 -16.82 8.70 -2.14
CA SER B 26 -16.22 7.56 -2.79
C SER B 26 -14.90 7.16 -2.13
N MET B 27 -14.09 8.16 -1.76
CA MET B 27 -12.77 7.87 -1.20
C MET B 27 -12.83 7.47 0.27
N MET B 28 -13.96 7.66 0.95
CA MET B 28 -14.09 7.33 2.36
C MET B 28 -14.46 5.86 2.47
N ARG B 29 -13.45 5.00 2.61
CA ARG B 29 -13.64 3.55 2.73
C ARG B 29 -12.82 3.05 3.92
N PRO B 30 -13.46 2.79 5.06
CA PRO B 30 -12.70 2.38 6.25
C PRO B 30 -11.95 1.07 6.09
N SER B 31 -12.38 0.18 5.20
CA SER B 31 -11.82 -1.16 5.14
C SER B 31 -10.48 -1.25 4.42
N GLU B 32 -10.05 -0.17 3.76
CA GLU B 32 -8.81 -0.24 2.99
C GLU B 32 -7.61 -0.63 3.83
N PRO B 33 -7.34 -0.01 4.98
CA PRO B 33 -6.15 -0.41 5.76
C PRO B 33 -6.18 -1.84 6.26
N PHE B 34 -7.35 -2.50 6.27
CA PHE B 34 -7.49 -3.86 6.78
C PHE B 34 -7.87 -4.84 5.67
N LEU B 35 -7.21 -4.73 4.52
CA LEU B 35 -7.50 -5.61 3.40
C LEU B 35 -6.75 -6.94 3.52
N ILE B 36 -5.43 -6.88 3.72
CA ILE B 36 -4.65 -8.10 3.88
C ILE B 36 -5.11 -8.91 5.08
N PRO B 37 -5.32 -8.33 6.26
CA PRO B 37 -5.88 -9.12 7.37
C PRO B 37 -7.23 -9.72 7.05
N TYR B 38 -8.03 -9.05 6.21
CA TYR B 38 -9.36 -9.58 5.86
C TYR B 38 -9.25 -10.78 4.94
N LEU B 39 -8.40 -10.69 3.92
CA LEU B 39 -8.30 -11.77 2.94
C LEU B 39 -7.70 -13.03 3.56
N SER B 40 -6.61 -12.88 4.30
CA SER B 40 -5.94 -14.03 4.92
C SER B 40 -6.56 -14.41 6.26
N GLY B 41 -7.41 -13.55 6.80
CA GLY B 41 -8.03 -13.80 8.08
C GLY B 41 -8.96 -15.00 8.03
N PRO B 42 -9.78 -15.16 9.06
CA PRO B 42 -10.72 -16.29 9.11
C PRO B 42 -11.94 -16.12 8.21
N ASP B 43 -12.01 -15.05 7.43
CA ASP B 43 -13.14 -14.82 6.54
C ASP B 43 -12.99 -15.59 5.23
N LYS B 44 -11.79 -15.63 4.67
CA LYS B 44 -11.52 -16.33 3.42
C LYS B 44 -10.36 -17.31 3.50
N ASN B 45 -9.35 -17.01 4.25
CA ASN B 45 -8.30 -17.96 4.43
C ASN B 45 -7.48 -18.10 3.15
N LEU B 46 -7.28 -17.00 2.40
CA LEU B 46 -6.44 -17.03 1.22
C LEU B 46 -4.98 -16.88 1.65
N THR B 47 -4.20 -17.94 1.48
CA THR B 47 -2.85 -17.97 2.00
C THR B 47 -2.04 -16.78 1.48
N SER B 48 -0.94 -16.49 2.18
CA SER B 48 -0.12 -15.34 1.82
C SER B 48 0.42 -15.47 0.40
N ALA B 49 0.87 -16.66 0.03
CA ALA B 49 1.39 -16.87 -1.31
C ALA B 49 0.33 -16.59 -2.36
N GLU B 50 -0.90 -17.09 -2.14
CA GLU B 50 -1.97 -16.82 -3.09
C GLU B 50 -2.21 -15.32 -3.23
N ILE B 51 -2.37 -14.63 -2.11
CA ILE B 51 -2.67 -13.20 -2.15
C ILE B 51 -1.56 -12.45 -2.88
N THR B 52 -0.31 -12.78 -2.60
CA THR B 52 0.80 -12.02 -3.15
C THR B 52 1.17 -12.42 -4.57
N ASN B 53 0.70 -13.55 -5.06
CA ASN B 53 1.12 -14.02 -6.37
C ASN B 53 0.02 -14.15 -7.42
N GLU B 54 -1.20 -14.54 -7.04
CA GLU B 54 -2.25 -14.80 -8.01
C GLU B 54 -3.39 -13.78 -7.98
N ILE B 55 -3.46 -12.95 -6.95
CA ILE B 55 -4.56 -12.00 -6.79
C ILE B 55 -4.10 -10.57 -6.99
N PHE B 56 -3.18 -10.10 -6.15
CA PHE B 56 -2.73 -8.71 -6.25
C PHE B 56 -2.12 -8.37 -7.60
N PRO B 57 -1.26 -9.20 -8.21
CA PRO B 57 -0.69 -8.82 -9.50
C PRO B 57 -1.73 -8.58 -10.58
N VAL B 58 -2.90 -9.24 -10.50
CA VAL B 58 -3.94 -9.03 -11.50
C VAL B 58 -4.38 -7.58 -11.51
N TRP B 59 -4.30 -6.90 -10.37
CA TRP B 59 -4.74 -5.51 -10.31
C TRP B 59 -3.90 -4.62 -11.23
N THR B 60 -2.58 -4.82 -11.22
CA THR B 60 -1.71 -3.96 -12.02
C THR B 60 -2.01 -4.13 -13.51
N TYR B 61 -2.16 -5.37 -13.97
CA TYR B 61 -2.38 -5.61 -15.39
C TYR B 61 -3.75 -5.11 -15.83
N SER B 62 -4.78 -5.35 -15.01
CA SER B 62 -6.10 -4.82 -15.35
C SER B 62 -6.10 -3.31 -15.39
N TYR B 63 -5.45 -2.67 -14.41
CA TYR B 63 -5.31 -1.23 -14.39
C TYR B 63 -4.64 -0.74 -15.67
N LEU B 64 -3.53 -1.37 -16.04
CA LEU B 64 -2.78 -0.92 -17.22
C LEU B 64 -3.59 -1.09 -18.50
N VAL B 65 -4.27 -2.23 -18.64
CA VAL B 65 -5.05 -2.48 -19.85
C VAL B 65 -6.21 -1.50 -19.94
N LEU B 66 -6.94 -1.30 -18.83
CA LEU B 66 -8.11 -0.44 -18.85
C LEU B 66 -7.78 1.04 -18.85
N LEU B 67 -6.54 1.41 -18.57
CA LEU B 67 -6.14 2.82 -18.74
C LEU B 67 -6.14 3.23 -20.21
N LEU B 68 -6.13 2.25 -21.13
CA LEU B 68 -6.12 2.61 -22.56
C LEU B 68 -7.49 3.10 -23.02
N PRO B 69 -8.57 2.32 -22.88
CA PRO B 69 -9.88 2.84 -23.30
C PRO B 69 -10.26 4.12 -22.58
N VAL B 70 -9.90 4.24 -21.30
CA VAL B 70 -10.31 5.41 -20.54
C VAL B 70 -9.75 6.68 -21.18
N PHE B 71 -8.46 6.72 -21.43
CA PHE B 71 -7.89 7.93 -21.97
C PHE B 71 -8.11 8.03 -23.47
N VAL B 72 -8.50 6.94 -24.13
CA VAL B 72 -8.77 7.04 -25.56
C VAL B 72 -10.18 7.55 -25.82
N LEU B 73 -11.12 7.32 -24.89
CA LEU B 73 -12.52 7.61 -25.13
C LEU B 73 -13.20 8.40 -24.01
N THR B 74 -12.47 9.02 -23.10
CA THR B 74 -13.10 9.83 -22.06
C THR B 74 -13.45 11.24 -22.50
N ASP B 75 -12.77 11.75 -23.51
CA ASP B 75 -13.11 13.09 -24.01
C ASP B 75 -14.27 13.04 -25.00
N TYR B 76 -14.31 12.03 -25.87
CA TYR B 76 -15.38 11.94 -26.85
C TYR B 76 -16.73 11.81 -26.16
N VAL B 77 -16.95 10.71 -25.46
CA VAL B 77 -18.08 10.62 -24.55
C VAL B 77 -17.72 11.45 -23.33
N ARG B 78 -18.53 12.46 -23.03
CA ARG B 78 -18.23 13.34 -21.93
C ARG B 78 -18.01 12.66 -20.60
N TYR B 79 -17.24 13.28 -19.74
CA TYR B 79 -16.82 12.61 -18.50
C TYR B 79 -17.85 11.99 -17.57
N LYS B 80 -19.11 12.41 -17.60
CA LYS B 80 -20.10 11.89 -16.71
C LYS B 80 -20.17 10.36 -16.90
N PRO B 81 -20.49 9.90 -18.11
CA PRO B 81 -20.55 8.46 -18.38
C PRO B 81 -19.43 7.65 -17.73
N VAL B 82 -18.21 8.16 -17.71
CA VAL B 82 -17.08 7.46 -17.11
C VAL B 82 -17.18 7.50 -15.60
N ILE B 83 -17.63 8.62 -15.02
CA ILE B 83 -17.79 8.67 -13.57
C ILE B 83 -18.86 7.68 -13.12
N ILE B 84 -19.96 7.58 -13.86
CA ILE B 84 -21.01 6.63 -13.50
C ILE B 84 -20.48 5.20 -13.58
N LEU B 85 -19.69 4.90 -14.61
CA LEU B 85 -19.09 3.58 -14.72
C LEU B 85 -18.18 3.30 -13.53
N GLN B 86 -17.42 4.31 -13.09
CA GLN B 86 -16.58 4.14 -11.91
C GLN B 86 -17.42 3.81 -10.69
N GLY B 87 -18.55 4.49 -10.52
CA GLY B 87 -19.42 4.19 -9.40
C GLY B 87 -19.93 2.75 -9.42
N ILE B 88 -20.38 2.30 -10.60
CA ILE B 88 -20.88 0.92 -10.71
C ILE B 88 -19.76 -0.07 -10.43
N SER B 89 -18.55 0.23 -10.90
CA SER B 89 -17.42 -0.65 -10.63
C SER B 89 -17.12 -0.70 -9.14
N PHE B 90 -17.23 0.42 -8.45
CA PHE B 90 -17.05 0.42 -7.02
C PHE B 90 -18.04 -0.54 -6.39
N ILE B 91 -19.33 -0.42 -6.65
CA ILE B 91 -20.29 -1.27 -5.96
C ILE B 91 -20.05 -2.77 -6.21
N ILE B 92 -19.32 -3.15 -7.25
CA ILE B 92 -19.12 -4.58 -7.56
C ILE B 92 -17.83 -5.06 -6.95
N THR B 93 -16.83 -4.21 -6.86
CA THR B 93 -15.62 -4.61 -6.18
C THR B 93 -16.01 -5.00 -4.78
N TRP B 94 -16.92 -4.26 -4.16
CA TRP B 94 -17.26 -4.49 -2.75
C TRP B 94 -18.37 -5.43 -2.47
N LEU B 95 -19.20 -5.76 -3.43
CA LEU B 95 -20.21 -6.76 -3.18
C LEU B 95 -19.57 -8.11 -3.42
N LEU B 96 -18.44 -8.13 -4.13
CA LEU B 96 -17.72 -9.36 -4.39
C LEU B 96 -16.69 -9.56 -3.31
N LEU B 97 -16.24 -8.49 -2.66
CA LEU B 97 -15.34 -8.63 -1.51
C LEU B 97 -16.19 -9.01 -0.34
N LEU B 98 -17.42 -8.51 -0.26
CA LEU B 98 -18.22 -8.96 0.88
C LEU B 98 -18.63 -10.41 0.73
N PHE B 99 -19.18 -10.79 -0.43
CA PHE B 99 -19.77 -12.10 -0.62
C PHE B 99 -18.98 -12.98 -1.57
N GLY B 100 -17.69 -12.74 -1.74
CA GLY B 100 -16.84 -13.52 -2.62
C GLY B 100 -15.89 -14.40 -1.82
N GLN B 101 -15.88 -15.69 -2.16
CA GLN B 101 -14.98 -16.66 -1.54
C GLN B 101 -14.30 -17.47 -2.63
N GLY B 102 -12.98 -17.54 -2.57
CA GLY B 102 -12.18 -18.23 -3.56
C GLY B 102 -11.06 -17.34 -4.07
N VAL B 103 -10.27 -17.91 -4.98
CA VAL B 103 -9.19 -17.15 -5.61
C VAL B 103 -9.64 -16.54 -6.93
N LYS B 104 -10.45 -17.27 -7.70
CA LYS B 104 -10.97 -16.73 -8.95
C LYS B 104 -11.84 -15.51 -8.70
N THR B 105 -12.69 -15.57 -7.68
CA THR B 105 -13.53 -14.43 -7.36
C THR B 105 -12.70 -13.22 -6.95
N MET B 106 -11.61 -13.45 -6.21
CA MET B 106 -10.76 -12.32 -5.83
C MET B 106 -10.00 -11.77 -7.03
N GLN B 107 -9.64 -12.61 -7.99
CA GLN B 107 -9.05 -12.10 -9.22
C GLN B 107 -10.05 -11.23 -9.97
N VAL B 108 -11.31 -11.64 -9.99
CA VAL B 108 -12.35 -10.81 -10.63
C VAL B 108 -12.52 -9.50 -9.86
N VAL B 109 -12.45 -9.54 -8.54
CA VAL B 109 -12.54 -8.31 -7.76
C VAL B 109 -11.36 -7.40 -8.03
N GLU B 110 -10.18 -7.95 -8.23
CA GLU B 110 -9.04 -7.11 -8.60
C GLU B 110 -9.20 -6.53 -9.99
N PHE B 111 -9.81 -7.29 -10.90
CA PHE B 111 -10.09 -6.74 -12.23
C PHE B 111 -11.04 -5.54 -12.13
N PHE B 112 -12.12 -5.69 -11.36
CA PHE B 112 -13.07 -4.60 -11.22
C PHE B 112 -12.47 -3.42 -10.48
N TYR B 113 -11.56 -3.66 -9.54
CA TYR B 113 -10.90 -2.55 -8.86
C TYR B 113 -9.89 -1.86 -9.77
N GLY B 114 -9.26 -2.60 -10.68
CA GLY B 114 -8.47 -1.95 -11.71
C GLY B 114 -9.31 -1.08 -12.60
N MET B 115 -10.52 -1.53 -12.92
CA MET B 115 -11.46 -0.67 -13.63
C MET B 115 -11.80 0.57 -12.82
N VAL B 116 -12.02 0.41 -11.51
CA VAL B 116 -12.34 1.54 -10.66
C VAL B 116 -11.21 2.56 -10.69
N THR B 117 -9.98 2.11 -10.46
CA THR B 117 -8.86 3.05 -10.33
C THR B 117 -8.44 3.62 -11.67
N ALA B 118 -8.69 2.91 -12.77
CA ALA B 118 -8.35 3.41 -14.09
C ALA B 118 -9.33 4.46 -14.59
N ALA B 119 -10.50 4.58 -13.96
CA ALA B 119 -11.49 5.57 -14.35
C ALA B 119 -11.36 6.87 -13.59
N GLU B 120 -10.39 6.98 -12.68
CA GLU B 120 -10.21 8.21 -11.91
C GLU B 120 -9.74 9.38 -12.77
N VAL B 121 -9.32 9.12 -14.01
CA VAL B 121 -8.92 10.22 -14.89
C VAL B 121 -10.13 11.09 -15.20
N ALA B 122 -11.31 10.48 -15.34
CA ALA B 122 -12.52 11.25 -15.61
C ALA B 122 -12.89 12.14 -14.43
N TYR B 123 -12.49 11.78 -13.21
CA TYR B 123 -12.80 12.59 -12.05
C TYR B 123 -12.05 13.91 -12.08
N TYR B 124 -10.74 13.87 -12.33
CA TYR B 124 -9.92 15.07 -12.33
C TYR B 124 -9.97 15.84 -13.64
N ALA B 125 -10.52 15.24 -14.71
CA ALA B 125 -10.64 15.93 -15.99
C ALA B 125 -12.01 16.54 -16.21
N TYR B 126 -13.03 16.08 -15.49
CA TYR B 126 -14.40 16.53 -15.76
C TYR B 126 -14.56 18.02 -15.46
N ILE B 127 -14.00 18.48 -14.34
CA ILE B 127 -14.41 19.78 -13.80
C ILE B 127 -14.02 20.91 -14.74
N TYR B 128 -12.87 20.78 -15.41
CA TYR B 128 -12.42 21.83 -16.31
C TYR B 128 -13.30 21.96 -17.55
N SER B 129 -14.20 20.99 -17.75
CA SER B 129 -15.10 21.01 -18.91
C SER B 129 -16.43 21.65 -18.60
N VAL B 130 -16.61 22.15 -17.39
CA VAL B 130 -17.88 22.73 -17.00
C VAL B 130 -17.68 24.08 -16.29
N VAL B 131 -16.45 24.38 -15.89
CA VAL B 131 -16.16 25.59 -15.13
C VAL B 131 -15.34 26.54 -15.99
N SER B 132 -15.50 27.83 -15.72
CA SER B 132 -14.79 28.85 -16.49
C SER B 132 -13.30 28.81 -16.16
N PRO B 133 -12.45 29.29 -17.08
CA PRO B 133 -11.01 29.21 -16.83
C PRO B 133 -10.57 29.97 -15.59
N GLU B 134 -11.21 31.09 -15.28
CA GLU B 134 -10.78 31.92 -14.16
C GLU B 134 -10.92 31.24 -12.81
N HIS B 135 -11.64 30.12 -12.74
CA HIS B 135 -11.80 29.36 -11.50
C HIS B 135 -11.06 28.03 -11.55
N TYR B 136 -10.00 27.95 -12.37
CA TYR B 136 -9.24 26.71 -12.45
C TYR B 136 -8.35 26.51 -11.23
N GLN B 137 -7.91 27.60 -10.61
CA GLN B 137 -7.03 27.48 -9.44
C GLN B 137 -7.80 27.01 -8.23
N ARG B 138 -8.89 27.70 -7.89
CA ARG B 138 -9.68 27.33 -6.72
C ARG B 138 -10.28 25.94 -6.89
N VAL B 139 -10.76 25.62 -8.09
CA VAL B 139 -11.39 24.33 -8.33
C VAL B 139 -10.39 23.20 -8.13
N SER B 140 -9.15 23.43 -8.55
CA SER B 140 -8.12 22.38 -8.48
C SER B 140 -7.82 21.94 -7.08
N GLY B 141 -7.72 22.89 -6.17
CA GLY B 141 -7.39 22.57 -4.78
C GLY B 141 -8.48 21.79 -4.08
N TYR B 142 -9.73 22.21 -4.24
CA TYR B 142 -10.83 21.60 -3.49
C TYR B 142 -10.96 20.12 -3.81
N CYS B 143 -11.00 19.77 -5.07
CA CYS B 143 -11.22 18.37 -5.43
C CYS B 143 -10.11 17.46 -5.02
N ARG B 144 -8.86 17.92 -5.06
CA ARG B 144 -7.76 17.11 -4.56
C ARG B 144 -7.82 16.95 -3.04
N SER B 145 -8.11 18.05 -2.33
CA SER B 145 -8.12 17.98 -0.87
C SER B 145 -9.24 17.08 -0.36
N VAL B 146 -10.43 17.17 -0.94
CA VAL B 146 -11.57 16.42 -0.41
C VAL B 146 -11.30 14.92 -0.46
N THR B 147 -10.48 14.46 -1.40
CA THR B 147 -10.14 13.04 -1.47
C THR B 147 -9.21 12.64 -0.33
N LEU B 148 -8.19 13.46 -0.06
CA LEU B 148 -7.25 13.15 1.01
C LEU B 148 -7.92 13.25 2.37
N ALA B 149 -8.75 14.27 2.56
CA ALA B 149 -9.51 14.38 3.80
C ALA B 149 -10.40 13.17 4.00
N ALA B 150 -11.05 12.71 2.93
CA ALA B 150 -11.89 11.52 3.03
C ALA B 150 -11.07 10.29 3.40
N TYR B 151 -9.89 10.13 2.78
CA TYR B 151 -9.07 8.95 3.07
C TYR B 151 -8.61 8.96 4.52
N THR B 152 -8.16 10.11 5.02
CA THR B 152 -7.72 10.18 6.41
C THR B 152 -8.89 9.93 7.37
N ALA B 153 -10.07 10.48 7.05
CA ALA B 153 -11.23 10.22 7.88
C ALA B 153 -11.56 8.74 7.93
N GLY B 154 -11.52 8.07 6.78
CA GLY B 154 -11.78 6.64 6.76
C GLY B 154 -10.77 5.85 7.58
N SER B 155 -9.49 6.18 7.43
CA SER B 155 -8.46 5.50 8.20
C SER B 155 -8.70 5.65 9.71
N VAL B 156 -8.96 6.88 10.14
CA VAL B 156 -9.18 7.15 11.57
C VAL B 156 -10.41 6.40 12.05
N LEU B 157 -11.49 6.44 11.28
CA LEU B 157 -12.72 5.78 11.70
C LEU B 157 -12.52 4.27 11.83
N ALA B 158 -11.84 3.66 10.86
CA ALA B 158 -11.58 2.23 10.93
C ALA B 158 -10.73 1.88 12.15
N GLN B 159 -9.67 2.66 12.40
CA GLN B 159 -8.82 2.38 13.55
C GLN B 159 -9.61 2.46 14.85
N LEU B 160 -10.37 3.54 15.02
CA LEU B 160 -11.14 3.69 16.26
C LEU B 160 -12.16 2.57 16.41
N LEU B 161 -12.83 2.20 15.32
CA LEU B 161 -13.87 1.17 15.42
C LEU B 161 -13.27 -0.18 15.78
N VAL B 162 -12.19 -0.58 15.11
CA VAL B 162 -11.58 -1.87 15.40
C VAL B 162 -11.02 -1.89 16.82
N SER B 163 -10.32 -0.82 17.21
CA SER B 163 -9.64 -0.82 18.50
C SER B 163 -10.61 -0.55 19.65
N LEU B 164 -11.29 0.60 19.61
CA LEU B 164 -12.12 1.03 20.73
C LEU B 164 -13.50 0.39 20.76
N ALA B 165 -13.89 -0.34 19.71
CA ALA B 165 -15.23 -0.92 19.63
C ALA B 165 -15.27 -2.38 19.22
N ASN B 166 -14.18 -2.97 18.79
CA ASN B 166 -14.17 -4.39 18.46
C ASN B 166 -15.13 -4.69 17.31
N MET B 167 -14.86 -4.10 16.15
CA MET B 167 -15.70 -4.30 14.96
C MET B 167 -14.97 -5.18 13.96
N SER B 168 -15.61 -6.27 13.54
CA SER B 168 -15.00 -7.18 12.58
C SER B 168 -14.82 -6.50 11.24
N TYR B 169 -13.81 -6.97 10.49
CA TYR B 169 -13.49 -6.33 9.21
C TYR B 169 -14.65 -6.42 8.22
N PHE B 170 -15.51 -7.42 8.37
CA PHE B 170 -16.69 -7.50 7.51
C PHE B 170 -17.53 -6.23 7.63
N TYR B 171 -17.63 -5.68 8.84
CA TYR B 171 -18.46 -4.49 9.01
C TYR B 171 -17.75 -3.24 8.49
N LEU B 172 -16.42 -3.21 8.53
CA LEU B 172 -15.70 -2.15 7.82
C LEU B 172 -16.01 -2.22 6.33
N ASN B 173 -16.11 -3.42 5.79
CA ASN B 173 -16.44 -3.60 4.37
C ASN B 173 -17.84 -3.16 4.09
N VAL B 174 -18.75 -3.41 5.02
CA VAL B 174 -20.13 -2.96 4.84
C VAL B 174 -20.20 -1.44 4.85
N ILE B 175 -19.46 -0.80 5.74
CA ILE B 175 -19.47 0.67 5.81
C ILE B 175 -18.89 1.24 4.53
N SER B 176 -17.80 0.66 4.01
CA SER B 176 -17.24 1.15 2.77
C SER B 176 -18.20 0.96 1.60
N LEU B 177 -18.92 -0.16 1.58
CA LEU B 177 -19.93 -0.38 0.55
C LEU B 177 -21.01 0.69 0.61
N ALA B 178 -21.50 1.00 1.80
CA ALA B 178 -22.50 2.05 1.94
C ALA B 178 -21.96 3.39 1.46
N SER B 179 -20.70 3.68 1.78
CA SER B 179 -20.12 4.95 1.39
C SER B 179 -20.05 5.05 -0.11
N VAL B 180 -19.56 4.00 -0.78
CA VAL B 180 -19.42 4.05 -2.22
C VAL B 180 -20.78 4.12 -2.90
N SER B 181 -21.78 3.43 -2.34
CA SER B 181 -23.14 3.54 -2.90
C SER B 181 -23.66 4.97 -2.79
N VAL B 182 -23.45 5.62 -1.65
CA VAL B 182 -23.90 7.00 -1.51
C VAL B 182 -23.14 7.91 -2.46
N ALA B 183 -21.86 7.62 -2.69
CA ALA B 183 -21.09 8.39 -3.67
C ALA B 183 -21.66 8.22 -5.07
N PHE B 184 -22.01 6.99 -5.44
CA PHE B 184 -22.57 6.75 -6.76
C PHE B 184 -23.90 7.47 -6.93
N LEU B 185 -24.73 7.48 -5.89
CA LEU B 185 -26.02 8.14 -6.00
C LEU B 185 -25.89 9.61 -6.36
N PHE B 186 -24.75 10.22 -6.04
CA PHE B 186 -24.53 11.62 -6.39
C PHE B 186 -24.10 11.79 -7.85
N SER B 187 -23.36 10.83 -8.40
CA SER B 187 -22.80 10.98 -9.74
C SER B 187 -23.88 11.09 -10.81
N LEU B 188 -25.12 10.72 -10.50
CA LEU B 188 -26.21 10.86 -11.46
C LEU B 188 -26.71 12.28 -11.60
N PHE B 189 -26.23 13.21 -10.77
CA PHE B 189 -26.68 14.60 -10.81
C PHE B 189 -25.65 15.55 -11.38
N LEU B 190 -24.43 15.09 -11.61
CA LEU B 190 -23.40 15.97 -12.15
C LEU B 190 -23.88 16.56 -13.47
N PRO B 191 -23.79 17.88 -13.66
CA PRO B 191 -24.21 18.45 -14.95
C PRO B 191 -23.40 17.88 -16.10
N MET B 192 -24.08 17.70 -17.24
CA MET B 192 -23.41 17.16 -18.42
C MET B 192 -22.70 18.29 -19.16
N PRO B 193 -21.38 18.19 -19.39
CA PRO B 193 -20.70 19.23 -20.17
C PRO B 193 -21.29 19.36 -21.56
N LYS B 194 -20.83 20.38 -22.28
CA LYS B 194 -21.22 20.63 -23.65
C LYS B 194 -19.99 20.56 -24.56
N LYS B 195 -20.24 20.35 -25.85
CA LYS B 195 -19.16 20.19 -26.82
C LYS B 195 -18.13 21.32 -26.71
N GLU B 271 -1.32 14.76 -29.43
CA GLU B 271 -0.15 15.53 -29.81
C GLU B 271 -0.25 16.98 -29.33
N CYS B 272 -0.90 17.17 -28.14
CA CYS B 272 -1.07 18.50 -27.54
C CYS B 272 0.11 18.88 -26.64
N TYR B 273 1.10 18.01 -26.53
CA TYR B 273 2.27 18.29 -25.72
C TYR B 273 3.20 19.33 -26.33
N SER B 274 2.88 19.87 -27.49
CA SER B 274 3.71 20.90 -28.09
C SER B 274 4.15 22.00 -27.13
N SER B 275 3.25 22.45 -26.26
CA SER B 275 3.59 23.47 -25.28
C SER B 275 4.66 22.95 -24.32
N LYS B 276 5.68 23.77 -24.07
CA LYS B 276 6.73 23.38 -23.14
C LYS B 276 6.17 23.21 -21.73
N ARG B 277 5.35 24.16 -21.27
CA ARG B 277 4.81 24.09 -19.93
C ARG B 277 3.94 22.86 -19.74
N LEU B 278 3.09 22.56 -20.72
CA LEU B 278 2.26 21.36 -20.65
C LEU B 278 3.11 20.11 -20.67
N PHE B 279 4.14 20.07 -21.53
CA PHE B 279 4.95 18.87 -21.66
C PHE B 279 5.80 18.64 -20.42
N TYR B 280 6.41 19.70 -19.89
CA TYR B 280 7.36 19.53 -18.78
C TYR B 280 6.66 19.27 -17.46
N TRP B 281 5.42 19.73 -17.29
CA TRP B 281 4.65 19.34 -16.11
C TRP B 281 4.18 17.90 -16.24
N SER B 282 4.09 17.38 -17.46
CA SER B 282 3.75 15.97 -17.66
C SER B 282 4.94 15.07 -17.39
N LEU B 283 6.16 15.52 -17.68
CA LEU B 283 7.34 14.72 -17.40
C LEU B 283 7.52 14.50 -15.91
N TRP B 284 7.29 15.54 -15.10
CA TRP B 284 7.31 15.36 -13.66
C TRP B 284 6.21 14.41 -13.22
N TRP B 285 5.00 14.60 -13.74
CA TRP B 285 3.86 13.76 -13.37
C TRP B 285 4.21 12.28 -13.54
N ALA B 286 4.73 11.91 -14.71
CA ALA B 286 5.00 10.50 -15.00
C ALA B 286 6.08 9.96 -14.07
N PHE B 287 7.23 10.63 -14.01
CA PHE B 287 8.36 10.09 -13.25
C PHE B 287 8.15 10.24 -11.74
N ALA B 288 7.66 11.39 -11.29
CA ALA B 288 7.45 11.59 -9.85
C ALA B 288 6.39 10.66 -9.32
N THR B 289 5.30 10.48 -10.06
CA THR B 289 4.23 9.60 -9.59
C THR B 289 4.70 8.15 -9.51
N ALA B 290 5.64 7.75 -10.37
CA ALA B 290 6.18 6.41 -10.28
C ALA B 290 6.94 6.19 -8.98
N GLY B 291 7.75 7.17 -8.58
CA GLY B 291 8.48 7.06 -7.33
C GLY B 291 7.57 7.08 -6.11
N PHE B 292 6.50 7.88 -6.17
CA PHE B 292 5.63 8.01 -5.01
C PHE B 292 4.98 6.68 -4.67
N ASN B 293 4.39 6.02 -5.63
CA ASN B 293 3.66 4.79 -5.35
C ASN B 293 4.59 3.65 -4.99
N GLN B 294 5.88 3.84 -5.22
CA GLN B 294 6.85 2.82 -4.86
C GLN B 294 7.20 2.97 -3.39
N VAL B 295 7.32 4.20 -2.92
CA VAL B 295 7.65 4.46 -1.52
C VAL B 295 6.52 3.98 -0.62
N LEU B 296 5.27 4.23 -1.01
CA LEU B 296 4.14 3.95 -0.14
C LEU B 296 4.08 2.49 0.28
N ASN B 297 4.63 1.59 -0.52
CA ASN B 297 4.54 0.18 -0.20
C ASN B 297 5.63 -0.28 0.75
N TYR B 298 6.61 0.58 1.03
CA TYR B 298 7.75 0.18 1.85
C TYR B 298 8.06 1.17 2.97
N VAL B 299 7.22 2.18 3.18
CA VAL B 299 7.44 3.07 4.32
C VAL B 299 7.29 2.30 5.63
N GLN B 300 6.21 1.53 5.75
CA GLN B 300 5.94 0.84 7.01
C GLN B 300 7.00 -0.22 7.30
N ILE B 301 7.46 -0.92 6.27
CA ILE B 301 8.51 -1.92 6.47
C ILE B 301 9.78 -1.24 6.96
N LEU B 302 10.07 -0.04 6.45
CA LEU B 302 11.23 0.70 6.93
C LEU B 302 11.10 1.03 8.42
N TRP B 303 9.88 1.41 8.85
CA TRP B 303 9.69 1.75 10.25
C TRP B 303 9.85 0.52 11.14
N ASP B 304 9.40 -0.64 10.70
CA ASP B 304 9.63 -1.87 11.46
C ASP B 304 11.11 -2.15 11.58
N TYR B 305 11.86 -1.99 10.48
CA TYR B 305 13.30 -2.24 10.54
C TYR B 305 14.00 -1.24 11.45
N LYS B 306 13.62 0.04 11.36
CA LYS B 306 14.28 1.07 12.16
C LYS B 306 14.01 0.87 13.65
N ALA B 307 12.75 0.70 14.02
CA ALA B 307 12.33 0.61 15.42
C ALA B 307 11.41 -0.58 15.59
N PRO B 308 11.95 -1.78 15.83
CA PRO B 308 11.10 -2.95 16.08
C PRO B 308 10.36 -2.80 17.40
N SER B 309 9.03 -2.80 17.32
CA SER B 309 8.19 -2.63 18.51
C SER B 309 6.97 -3.53 18.39
N GLN B 310 6.38 -3.84 19.55
CA GLN B 310 5.18 -4.67 19.59
C GLN B 310 3.91 -3.88 19.37
N ASP B 311 3.97 -2.55 19.43
CA ASP B 311 2.80 -1.70 19.18
C ASP B 311 3.01 -0.83 17.94
N SER B 312 3.90 -1.26 17.03
CA SER B 312 4.15 -0.47 15.83
C SER B 312 2.91 -0.38 14.95
N SER B 313 2.00 -1.34 15.06
CA SER B 313 0.82 -1.33 14.20
C SER B 313 -0.01 -0.08 14.42
N ILE B 314 -0.24 0.29 15.67
CA ILE B 314 -1.03 1.49 15.95
C ILE B 314 -0.29 2.74 15.49
N TYR B 315 1.01 2.83 15.79
CA TYR B 315 1.77 4.00 15.36
C TYR B 315 1.88 4.06 13.84
N ASN B 316 1.89 2.93 13.18
CA ASN B 316 1.95 2.91 11.73
C ASN B 316 0.70 3.52 11.15
N GLY B 317 -0.47 3.17 11.68
CA GLY B 317 -1.71 3.72 11.18
C GLY B 317 -1.85 5.20 11.45
N ALA B 318 -1.48 5.64 12.66
CA ALA B 318 -1.65 7.04 13.02
C ALA B 318 -0.79 7.95 12.15
N VAL B 319 0.44 7.53 11.87
CA VAL B 319 1.32 8.36 11.05
C VAL B 319 0.80 8.47 9.63
N GLU B 320 0.28 7.36 9.09
CA GLU B 320 -0.28 7.39 7.75
C GLU B 320 -1.46 8.36 7.66
N ALA B 321 -2.35 8.32 8.65
CA ALA B 321 -3.50 9.22 8.64
C ALA B 321 -3.06 10.68 8.80
N ILE B 322 -2.06 10.92 9.64
CA ILE B 322 -1.56 12.28 9.82
C ILE B 322 -0.85 12.76 8.56
N ALA B 323 -0.13 11.87 7.89
CA ALA B 323 0.56 12.25 6.66
C ALA B 323 -0.43 12.68 5.59
N THR B 324 -1.53 11.93 5.44
CA THR B 324 -2.53 12.29 4.45
C THR B 324 -3.17 13.64 4.77
N PHE B 325 -3.48 13.89 6.05
CA PHE B 325 -4.05 15.17 6.42
C PHE B 325 -3.12 16.32 6.09
N GLY B 326 -1.81 16.08 6.15
CA GLY B 326 -0.87 17.09 5.69
C GLY B 326 -1.04 17.39 4.21
N GLY B 327 -1.26 16.36 3.40
CA GLY B 327 -1.50 16.58 1.99
C GLY B 327 -2.78 17.34 1.73
N ALA B 328 -3.83 17.03 2.49
CA ALA B 328 -5.12 17.70 2.29
C ALA B 328 -5.00 19.20 2.51
N VAL B 329 -4.33 19.61 3.59
CA VAL B 329 -4.15 21.03 3.86
C VAL B 329 -3.19 21.65 2.85
N ALA B 330 -2.21 20.87 2.40
CA ALA B 330 -1.27 21.38 1.40
C ALA B 330 -1.96 21.58 0.05
N ALA B 331 -2.76 20.61 -0.38
CA ALA B 331 -3.47 20.74 -1.64
C ALA B 331 -4.54 21.82 -1.57
N PHE B 332 -5.24 21.91 -0.43
CA PHE B 332 -6.27 22.93 -0.28
C PHE B 332 -5.68 24.32 -0.34
N ALA B 333 -4.51 24.52 0.28
CA ALA B 333 -3.87 25.83 0.29
C ALA B 333 -3.47 26.28 -1.10
N VAL B 334 -3.27 25.35 -2.04
CA VAL B 334 -2.86 25.74 -3.38
C VAL B 334 -3.94 26.61 -4.03
N GLY B 335 -5.20 26.20 -3.89
CA GLY B 335 -6.33 26.92 -4.46
C GLY B 335 -6.88 28.04 -3.63
N TYR B 336 -6.29 28.33 -2.47
CA TYR B 336 -6.75 29.40 -1.59
C TYR B 336 -5.82 30.59 -1.55
N VAL B 337 -4.52 30.36 -1.31
CA VAL B 337 -3.58 31.47 -1.25
C VAL B 337 -3.46 32.13 -2.62
N LYS B 338 -3.43 33.46 -2.60
CA LYS B 338 -3.34 34.20 -3.86
C LYS B 338 -1.89 34.41 -4.26
N VAL B 339 -1.51 33.83 -5.39
CA VAL B 339 -0.16 34.00 -5.92
C VAL B 339 -0.26 33.95 -7.44
N ASN B 340 0.69 34.64 -8.10
CA ASN B 340 0.74 34.64 -9.54
C ASN B 340 1.49 33.41 -9.95
N TRP B 341 0.86 32.52 -10.69
CA TRP B 341 1.47 31.26 -11.06
C TRP B 341 2.19 31.29 -12.40
N ASP B 342 2.13 32.40 -13.13
CA ASP B 342 2.85 32.47 -14.40
C ASP B 342 4.35 32.37 -14.19
N LEU B 343 4.88 33.08 -13.20
CA LEU B 343 6.31 33.08 -12.93
C LEU B 343 6.72 32.15 -11.81
N LEU B 344 5.78 31.71 -10.97
CA LEU B 344 6.09 30.81 -9.87
C LEU B 344 5.84 29.35 -10.21
N GLY B 345 5.49 29.02 -11.44
CA GLY B 345 5.26 27.65 -11.83
C GLY B 345 6.51 26.79 -11.70
N GLU B 346 7.62 27.25 -12.25
CA GLU B 346 8.87 26.49 -12.17
C GLU B 346 9.43 26.51 -10.75
N LEU B 347 9.43 27.68 -10.11
CA LEU B 347 10.06 27.80 -8.80
C LEU B 347 9.48 26.81 -7.81
N ALA B 348 8.16 26.63 -7.83
CA ALA B 348 7.55 25.63 -6.96
C ALA B 348 8.00 24.23 -7.34
N LEU B 349 8.13 23.96 -8.64
CA LEU B 349 8.56 22.64 -9.09
C LEU B 349 9.97 22.34 -8.63
N VAL B 350 10.88 23.30 -8.78
CA VAL B 350 12.27 23.09 -8.39
C VAL B 350 12.41 23.09 -6.87
N VAL B 351 11.79 24.06 -6.19
CA VAL B 351 11.97 24.19 -4.75
C VAL B 351 11.39 22.99 -4.03
N PHE B 352 10.19 22.56 -4.43
CA PHE B 352 9.54 21.44 -3.77
C PHE B 352 9.94 20.09 -4.34
N SER B 353 10.78 20.06 -5.36
CA SER B 353 11.31 18.80 -5.87
C SER B 353 12.52 18.45 -5.05
N VAL B 354 13.23 19.45 -4.51
CA VAL B 354 14.34 19.18 -3.61
C VAL B 354 13.84 18.67 -2.27
N VAL B 355 12.72 19.21 -1.78
CA VAL B 355 12.18 18.76 -0.51
C VAL B 355 11.76 17.30 -0.60
N ASN B 356 11.24 16.84 -1.72
CA ASN B 356 10.91 15.44 -1.81
C ASN B 356 12.13 14.54 -1.82
N ALA B 357 13.26 14.99 -2.38
CA ALA B 357 14.47 14.18 -2.29
C ALA B 357 15.08 14.25 -0.90
N GLY B 358 15.17 15.45 -0.32
CA GLY B 358 15.80 15.58 0.98
C GLY B 358 15.07 14.83 2.08
N SER B 359 13.74 14.81 2.01
CA SER B 359 12.97 14.10 3.03
C SER B 359 13.20 12.60 2.96
N LEU B 360 13.28 12.03 1.75
CA LEU B 360 13.54 10.60 1.62
C LEU B 360 14.93 10.26 2.14
N PHE B 361 15.93 11.10 1.84
CA PHE B 361 17.25 10.90 2.40
C PHE B 361 17.24 10.95 3.92
N LEU B 362 16.26 11.65 4.50
CA LEU B 362 16.18 11.75 5.95
C LEU B 362 15.59 10.49 6.57
N MET B 363 14.65 9.84 5.89
CA MET B 363 14.08 8.62 6.42
C MET B 363 15.12 7.50 6.46
N HIS B 364 15.88 7.35 5.38
CA HIS B 364 16.85 6.25 5.31
C HIS B 364 18.01 6.47 6.27
N TYR B 365 18.60 7.67 6.26
CA TYR B 365 19.85 7.88 6.97
C TYR B 365 19.64 7.90 8.48
N THR B 366 18.62 8.61 8.94
CA THR B 366 18.47 8.88 10.37
C THR B 366 18.05 7.64 11.14
N ALA B 367 18.54 7.53 12.37
CA ALA B 367 18.20 6.41 13.25
C ALA B 367 16.99 6.70 14.13
N ASN B 368 16.70 7.97 14.45
CA ASN B 368 15.54 8.33 15.23
C ASN B 368 14.32 7.90 14.48
N ILE B 369 13.34 7.30 15.15
CA ILE B 369 12.11 6.89 14.48
C ILE B 369 11.15 8.06 14.37
N TRP B 370 11.26 9.06 15.23
CA TRP B 370 10.40 10.23 15.14
C TRP B 370 10.75 11.08 13.93
N ALA B 371 12.05 11.33 13.71
CA ALA B 371 12.45 12.06 12.51
C ALA B 371 12.06 11.31 11.26
N CYS B 372 11.98 9.98 11.31
CA CYS B 372 11.52 9.20 10.16
C CYS B 372 10.03 9.42 9.99
N TYR B 373 9.28 9.57 11.07
CA TYR B 373 7.87 9.93 10.94
C TYR B 373 7.71 11.31 10.34
N ALA B 374 8.55 12.27 10.74
CA ALA B 374 8.44 13.62 10.22
C ALA B 374 8.86 13.70 8.76
N GLY B 375 9.83 12.89 8.34
CA GLY B 375 10.22 12.89 6.95
C GLY B 375 9.11 12.44 6.03
N TYR B 376 8.33 11.43 6.47
CA TYR B 376 7.23 10.94 5.66
C TYR B 376 6.16 12.01 5.48
N LEU B 377 5.82 12.74 6.51
CA LEU B 377 4.85 13.82 6.36
C LEU B 377 5.37 14.77 5.28
N ILE B 378 6.58 15.30 5.44
CA ILE B 378 7.07 16.28 4.48
C ILE B 378 7.03 15.70 3.07
N PHE B 379 7.44 14.45 2.91
CA PHE B 379 7.48 13.84 1.58
C PHE B 379 6.08 13.78 0.97
N LYS B 380 5.12 13.26 1.72
CA LYS B 380 3.77 13.10 1.17
C LYS B 380 3.10 14.45 0.94
N SER B 381 3.15 15.34 1.94
CA SER B 381 2.51 16.64 1.79
C SER B 381 3.16 17.45 0.67
N SER B 382 4.48 17.39 0.57
CA SER B 382 5.18 18.13 -0.48
C SER B 382 4.76 17.64 -1.86
N TYR B 383 4.64 16.32 -2.04
CA TYR B 383 4.22 15.79 -3.33
C TYR B 383 2.78 16.19 -3.66
N MET B 384 1.88 16.06 -2.67
CA MET B 384 0.48 16.42 -2.91
C MET B 384 0.33 17.90 -3.23
N LEU B 385 1.26 18.73 -2.77
CA LEU B 385 1.25 20.13 -3.16
C LEU B 385 1.50 20.29 -4.65
N LEU B 386 2.44 19.51 -5.19
CA LEU B 386 2.84 19.68 -6.59
C LEU B 386 1.81 19.08 -7.55
N ILE B 387 1.21 17.94 -7.19
CA ILE B 387 0.21 17.34 -8.06
C ILE B 387 -0.99 18.25 -8.24
N THR B 388 -1.20 19.18 -7.31
CA THR B 388 -2.28 20.16 -7.48
C THR B 388 -1.89 21.24 -8.48
N ILE B 389 -0.64 21.69 -8.44
CA ILE B 389 -0.19 22.70 -9.40
C ILE B 389 -0.06 22.09 -10.79
N ALA B 390 0.36 20.83 -10.87
CA ALA B 390 0.53 20.18 -12.16
C ALA B 390 -0.79 20.07 -12.90
N VAL B 391 -1.84 19.65 -12.19
CA VAL B 391 -3.15 19.52 -12.82
C VAL B 391 -3.72 20.90 -13.15
N PHE B 392 -3.53 21.87 -12.26
CA PHE B 392 -4.01 23.22 -12.52
C PHE B 392 -3.28 23.83 -13.72
N GLN B 393 -1.96 23.68 -13.77
CA GLN B 393 -1.17 24.34 -14.81
C GLN B 393 -1.26 23.63 -16.15
N ILE B 394 -1.40 22.31 -16.16
CA ILE B 394 -1.59 21.60 -17.41
C ILE B 394 -2.89 22.04 -18.07
N ALA B 395 -3.97 22.13 -17.30
CA ALA B 395 -5.27 22.49 -17.86
C ALA B 395 -5.30 23.94 -18.31
N VAL B 396 -4.45 24.80 -17.73
CA VAL B 396 -4.43 26.20 -18.13
C VAL B 396 -3.86 26.34 -19.54
N ASN B 397 -2.86 25.54 -19.86
CA ASN B 397 -2.17 25.69 -21.14
C ASN B 397 -2.72 24.81 -22.25
N LEU B 398 -3.81 24.10 -22.01
CA LEU B 398 -4.37 23.20 -23.02
C LEU B 398 -5.17 24.02 -24.01
N ASN B 399 -4.75 24.04 -25.27
CA ASN B 399 -5.47 24.78 -26.31
C ASN B 399 -6.76 24.08 -26.65
N VAL B 400 -6.75 22.76 -26.64
CA VAL B 400 -7.95 21.98 -26.91
C VAL B 400 -8.45 21.37 -25.59
N GLU B 401 -9.68 20.88 -25.62
CA GLU B 401 -10.30 20.30 -24.43
C GLU B 401 -9.93 18.84 -24.27
N ARG B 402 -8.63 18.54 -24.34
CA ARG B 402 -8.13 17.17 -24.20
C ARG B 402 -7.59 16.94 -22.79
N TYR B 403 -8.45 17.13 -21.79
CA TYR B 403 -8.01 17.00 -20.40
C TYR B 403 -7.81 15.54 -20.02
N ALA B 404 -8.73 14.66 -20.40
CA ALA B 404 -8.59 13.25 -20.05
C ALA B 404 -7.47 12.58 -20.83
N LEU B 405 -7.20 13.05 -22.05
CA LEU B 405 -6.07 12.51 -22.82
C LEU B 405 -4.76 12.80 -22.12
N VAL B 406 -4.51 14.07 -21.78
CA VAL B 406 -3.24 14.45 -21.16
C VAL B 406 -3.11 13.82 -19.77
N PHE B 407 -4.19 13.85 -18.99
CA PHE B 407 -4.14 13.26 -17.66
C PHE B 407 -4.02 11.74 -17.73
N GLY B 408 -4.67 11.12 -18.73
CA GLY B 408 -4.67 9.67 -18.82
C GLY B 408 -3.40 9.10 -19.40
N ILE B 409 -2.69 9.83 -20.24
CA ILE B 409 -1.42 9.34 -20.76
C ILE B 409 -0.31 9.49 -19.72
N ASN B 410 -0.33 10.55 -18.93
CA ASN B 410 0.66 10.74 -17.90
C ASN B 410 0.52 9.72 -16.77
N THR B 411 -0.69 9.31 -16.41
CA THR B 411 -0.87 8.27 -15.41
C THR B 411 -0.64 6.87 -15.98
N PHE B 412 -0.76 6.70 -17.30
CA PHE B 412 -0.42 5.42 -17.90
C PHE B 412 1.09 5.20 -17.89
N ILE B 413 1.85 6.21 -18.32
CA ILE B 413 3.30 6.08 -18.33
C ILE B 413 3.85 5.94 -16.91
N ALA B 414 3.14 6.48 -15.92
CA ALA B 414 3.59 6.33 -14.54
C ALA B 414 3.57 4.86 -14.13
N LEU B 415 2.53 4.12 -14.52
CA LEU B 415 2.48 2.69 -14.23
C LEU B 415 3.59 1.95 -14.96
N VAL B 416 3.88 2.35 -16.20
CA VAL B 416 4.94 1.70 -16.97
C VAL B 416 6.27 1.82 -16.24
N ILE B 417 6.60 3.01 -15.78
CA ILE B 417 7.86 3.22 -15.06
C ILE B 417 7.85 2.46 -13.75
N GLN B 418 6.73 2.51 -13.01
CA GLN B 418 6.64 1.81 -11.73
C GLN B 418 6.82 0.31 -11.91
N THR B 419 6.11 -0.27 -12.89
CA THR B 419 6.17 -1.73 -13.07
C THR B 419 7.57 -2.17 -13.49
N ILE B 420 8.21 -1.43 -14.40
CA ILE B 420 9.54 -1.80 -14.85
C ILE B 420 10.57 -1.56 -13.75
N MET B 421 10.44 -0.45 -13.03
CA MET B 421 11.41 -0.12 -12.00
C MET B 421 11.23 -0.94 -10.73
N THR B 422 10.05 -1.54 -10.53
CA THR B 422 9.87 -2.41 -9.38
C THR B 422 10.55 -3.76 -9.61
N VAL B 423 10.55 -4.23 -10.86
CA VAL B 423 11.19 -5.50 -11.16
C VAL B 423 12.71 -5.41 -10.96
N ILE B 424 13.29 -4.28 -11.37
CA ILE B 424 14.74 -4.13 -11.29
C ILE B 424 15.19 -4.12 -9.83
N VAL B 425 14.48 -3.40 -8.97
CA VAL B 425 14.97 -3.10 -7.62
C VAL B 425 14.54 -4.15 -6.62
N VAL B 426 13.27 -4.50 -6.56
CA VAL B 426 12.76 -5.36 -5.50
C VAL B 426 12.72 -6.82 -5.91
N ASP B 427 12.17 -7.10 -7.10
CA ASP B 427 11.92 -8.49 -7.48
C ASP B 427 13.21 -9.29 -7.47
N GLN B 428 13.12 -10.53 -7.00
CA GLN B 428 14.29 -11.38 -6.89
C GLN B 428 14.97 -11.52 -8.26
N ARG B 429 14.18 -11.57 -9.32
CA ARG B 429 14.77 -11.66 -10.66
C ARG B 429 15.71 -10.50 -10.93
N GLY B 430 15.49 -9.36 -10.27
CA GLY B 430 16.33 -8.19 -10.46
C GLY B 430 17.46 -8.11 -9.47
N LEU B 431 17.47 -7.05 -8.66
CA LEU B 431 18.54 -6.85 -7.69
C LEU B 431 18.23 -7.47 -6.33
N ASN B 432 16.97 -7.47 -5.93
CA ASN B 432 16.58 -8.02 -4.63
C ASN B 432 17.11 -7.19 -3.47
N LEU B 433 17.06 -5.87 -3.59
CA LEU B 433 17.58 -5.01 -2.54
C LEU B 433 16.70 -5.10 -1.30
N PRO B 434 17.29 -5.09 -0.09
CA PRO B 434 16.48 -5.04 1.13
C PRO B 434 15.99 -3.62 1.41
N VAL B 435 15.04 -3.54 2.33
CA VAL B 435 14.48 -2.24 2.71
C VAL B 435 15.54 -1.34 3.34
N SER B 436 16.63 -1.92 3.86
CA SER B 436 17.64 -1.12 4.53
C SER B 436 18.26 -0.11 3.58
N ILE B 437 18.56 -0.53 2.35
CA ILE B 437 19.22 0.32 1.37
C ILE B 437 18.28 0.76 0.26
N GLN B 438 17.03 0.30 0.27
CA GLN B 438 16.10 0.66 -0.80
C GLN B 438 15.88 2.16 -0.87
N PHE B 439 15.70 2.81 0.29
CA PHE B 439 15.32 4.22 0.28
C PHE B 439 16.47 5.14 -0.09
N LEU B 440 17.70 4.62 -0.21
CA LEU B 440 18.77 5.40 -0.81
C LEU B 440 18.60 5.47 -2.33
N VAL B 441 17.97 4.45 -2.90
CA VAL B 441 17.70 4.43 -4.34
C VAL B 441 16.48 5.27 -4.62
N TYR B 442 15.46 5.19 -3.76
CA TYR B 442 14.28 6.05 -3.89
C TYR B 442 14.62 7.51 -3.66
N GLY B 443 15.44 7.80 -2.65
CA GLY B 443 15.88 9.15 -2.44
C GLY B 443 16.78 9.65 -3.56
N SER B 444 17.64 8.77 -4.08
CA SER B 444 18.49 9.14 -5.21
C SER B 444 17.69 9.25 -6.49
N TYR B 445 16.66 8.42 -6.66
CA TYR B 445 15.80 8.51 -7.83
C TYR B 445 15.12 9.87 -7.89
N PHE B 446 14.59 10.33 -6.76
CA PHE B 446 13.98 11.66 -6.72
C PHE B 446 15.01 12.77 -6.82
N ALA B 447 16.27 12.50 -6.46
CA ALA B 447 17.30 13.52 -6.60
C ALA B 447 17.55 13.85 -8.06
N VAL B 448 17.53 12.83 -8.93
CA VAL B 448 17.71 13.07 -10.36
C VAL B 448 16.57 13.92 -10.90
N ILE B 449 15.34 13.61 -10.51
CA ILE B 449 14.19 14.39 -10.99
C ILE B 449 14.37 15.86 -10.64
N ALA B 450 14.78 16.15 -9.42
CA ALA B 450 15.10 17.53 -9.07
C ALA B 450 16.29 18.05 -9.86
N GLY B 451 17.24 17.17 -10.19
CA GLY B 451 18.40 17.61 -10.94
C GLY B 451 18.06 18.10 -12.33
N ILE B 452 17.17 17.40 -13.02
CA ILE B 452 16.78 17.80 -14.37
C ILE B 452 16.15 19.19 -14.35
N PHE B 453 15.22 19.41 -13.42
CA PHE B 453 14.55 20.70 -13.34
C PHE B 453 15.47 21.77 -12.75
N LEU B 454 16.33 21.41 -11.81
CA LEU B 454 17.30 22.36 -11.29
C LEU B 454 18.31 22.80 -12.34
N MET B 455 18.52 22.00 -13.39
CA MET B 455 19.49 22.32 -14.41
C MET B 455 18.92 23.13 -15.56
N ARG B 456 17.61 23.40 -15.57
CA ARG B 456 16.99 24.15 -16.66
C ARG B 456 17.34 25.63 -16.50
N SER B 457 18.62 25.91 -16.70
CA SER B 457 19.12 27.29 -16.66
C SER B 457 20.40 27.33 -17.50
N MET B 458 20.27 27.84 -18.72
CA MET B 458 21.39 27.92 -19.66
C MET B 458 21.74 29.38 -19.88
N TYR B 459 22.99 29.73 -19.60
CA TYR B 459 23.47 31.10 -19.78
C TYR B 459 24.95 31.10 -20.12
C1 NAG C . -11.08 -20.25 7.95
C2 NAG C . -12.47 -20.62 7.43
C3 NAG C . -13.44 -20.81 8.57
C4 NAG C . -12.91 -21.88 9.50
C5 NAG C . -11.53 -21.49 9.97
C6 NAG C . -10.95 -22.59 10.83
C7 NAG C . -13.14 -19.86 5.26
C8 NAG C . -14.55 -20.15 4.82
N2 NAG C . -12.98 -19.60 6.55
O3 NAG C . -14.70 -21.22 8.03
O4 NAG C . -13.78 -22.02 10.63
O5 NAG C . -10.67 -21.28 8.85
O6 NAG C . -10.80 -23.76 10.03
O7 NAG C . -12.20 -19.87 4.47
CM2 VIB D . -9.49 -4.35 -3.75
N4A VIB D . -4.49 -4.14 -4.78
CM4 VIB D . -4.72 -2.61 -0.10
O1 VIB D . -3.34 -3.83 2.76
C7 VIB D . -2.32 -3.46 1.88
C6 VIB D . -2.23 -4.46 0.74
C2 VIB D . -2.09 -3.03 -2.94
S1 VIB D . -1.49 -3.87 -1.79
C5 VIB D . -2.43 -3.78 -0.61
C4 VIB D . -3.54 -2.95 -1.00
N3 VIB D . -3.31 -2.47 -2.48
C7A VIB D . -4.19 -1.62 -3.25
C4A VIB D . -5.66 -3.58 -4.16
N3A VIB D . -6.94 -4.23 -4.27
C2A VIB D . -8.14 -3.65 -3.62
N1A VIB D . -8.03 -2.40 -2.84
C6A VIB D . -6.75 -1.72 -2.73
C5A VIB D . -5.54 -2.31 -3.38
#